data_4EO0
#
_entry.id   4EO0
#
_cell.length_a   59.300
_cell.length_b   59.300
_cell.length_c   137.480
_cell.angle_alpha   90.00
_cell.angle_beta   90.00
_cell.angle_gamma   90.00
#
_symmetry.space_group_name_H-M   'I 41 2 2'
#
loop_
_entity.id
_entity.type
_entity.pdbx_description
1 polymer 'Attachment protein G3P'
2 water water
#
_entity_poly.entity_id   1
_entity_poly.type   'polypeptide(L)'
_entity_poly.pdbx_seq_one_letter_code
;MDNWESITKSYYTGFAISKTVESKDKDGKPVRKEVITQADLTTACNDAKASAQNVFNQIKLTLSGTWPNSQFRLVTGDTC
VYNGSPGEKTESWSIRAQVEGDIQRSVPDHHHHHH
;
_entity_poly.pdbx_strand_id   A
#
# COMPACT_ATOMS: atom_id res chain seq x y z
N ASN A 3 22.03 8.38 14.66
CA ASN A 3 21.54 9.56 13.95
C ASN A 3 21.06 9.18 12.55
N TRP A 4 19.73 9.12 12.35
CA TRP A 4 19.13 8.77 11.07
C TRP A 4 18.68 10.00 10.35
N GLU A 5 18.94 10.02 9.03
CA GLU A 5 18.55 11.12 8.14
C GLU A 5 17.79 10.57 6.94
N SER A 6 16.66 11.20 6.61
CA SER A 6 15.85 10.78 5.48
C SER A 6 16.53 11.13 4.16
N ILE A 7 16.59 10.16 3.21
CA ILE A 7 17.14 10.40 1.87
C ILE A 7 15.95 10.78 1.00
N THR A 8 14.92 9.93 0.97
CA THR A 8 13.70 10.14 0.18
C THR A 8 12.52 9.42 0.79
N LYS A 9 11.37 10.09 0.81
CA LYS A 9 10.11 9.54 1.30
C LYS A 9 9.06 9.70 0.21
N SER A 10 8.39 8.60 -0.15
N SER A 10 8.39 8.60 -0.15
CA SER A 10 7.37 8.60 -1.18
CA SER A 10 7.37 8.60 -1.18
CA SER A 10 8.36 7.59 -2.46
C SER A 10 6.31 7.56 -0.82
C SER A 10 6.31 7.56 -0.82
N TYR A 11 5.26 7.46 -1.64
CA TYR A 11 4.20 6.47 -1.42
C TYR A 11 4.48 5.24 -2.22
N TYR A 12 4.08 4.13 -1.63
CA TYR A 12 4.12 2.79 -2.17
C TYR A 12 2.69 2.29 -2.11
N THR A 13 2.27 1.63 -3.19
CA THR A 13 0.86 1.32 -3.37
C THR A 13 0.51 -0.15 -3.39
N GLY A 14 -0.66 -0.43 -2.82
CA GLY A 14 -1.33 -1.73 -2.88
C GLY A 14 -2.75 -1.50 -3.37
N PHE A 15 -3.37 -2.51 -3.96
CA PHE A 15 -4.73 -2.35 -4.49
C PHE A 15 -5.71 -3.35 -3.92
N ALA A 16 -6.92 -2.85 -3.57
CA ALA A 16 -8.05 -3.71 -3.17
C ALA A 16 -8.97 -3.67 -4.39
N ILE A 17 -9.22 -4.82 -5.01
CA ILE A 17 -10.04 -4.91 -6.23
C ILE A 17 -11.42 -5.50 -5.91
N SER A 18 -12.49 -4.87 -6.41
CA SER A 18 -13.85 -5.37 -6.17
C SER A 18 -14.12 -6.76 -6.73
N LYS A 19 -14.94 -7.53 -6.00
CA LYS A 19 -15.35 -8.89 -6.40
C LYS A 19 -16.84 -8.85 -6.67
N THR A 20 -17.30 -9.60 -7.70
CA THR A 20 -18.72 -9.65 -8.06
C THR A 20 -19.49 -10.50 -7.07
N VAL A 21 -20.64 -9.98 -6.60
CA VAL A 21 -21.54 -10.67 -5.64
C VAL A 21 -22.98 -10.61 -6.15
N GLU A 22 -23.63 -11.78 -6.21
CA GLU A 22 -25.03 -11.93 -6.63
C GLU A 22 -25.91 -12.07 -5.39
N SER A 23 -27.06 -11.38 -5.41
CA SER A 23 -28.07 -11.40 -4.34
C SER A 23 -29.43 -11.06 -4.94
N LYS A 24 -30.48 -11.02 -4.10
CA LYS A 24 -31.85 -10.69 -4.50
C LYS A 24 -32.32 -9.54 -3.62
N ASP A 25 -33.17 -8.64 -4.16
CA ASP A 25 -33.71 -7.54 -3.35
C ASP A 25 -34.94 -8.01 -2.54
N LYS A 26 -35.62 -7.08 -1.85
CA LYS A 26 -36.81 -7.37 -1.02
C LYS A 26 -38.00 -7.88 -1.84
N ASP A 27 -38.04 -7.57 -3.15
CA ASP A 27 -39.13 -8.00 -4.05
C ASP A 27 -38.75 -9.28 -4.84
N GLY A 28 -37.58 -9.85 -4.56
CA GLY A 28 -37.08 -11.06 -5.20
C GLY A 28 -36.34 -10.85 -6.50
N LYS A 29 -36.14 -9.57 -6.90
CA LYS A 29 -35.45 -9.23 -8.14
C LYS A 29 -33.94 -9.44 -7.98
N PRO A 30 -33.29 -10.19 -8.89
CA PRO A 30 -31.83 -10.38 -8.76
C PRO A 30 -31.04 -9.10 -8.95
N VAL A 31 -30.06 -8.88 -8.03
CA VAL A 31 -29.16 -7.72 -8.07
CA VAL A 31 -29.18 -7.71 -7.98
C VAL A 31 -27.71 -8.16 -8.09
N ARG A 32 -26.90 -7.44 -8.88
CA ARG A 32 -25.47 -7.72 -9.05
C ARG A 32 -24.69 -6.59 -8.37
N LYS A 33 -23.75 -6.95 -7.48
CA LYS A 33 -22.93 -5.97 -6.75
C LYS A 33 -21.42 -6.22 -6.86
N GLU A 34 -20.62 -5.15 -6.72
CA GLU A 34 -19.15 -5.20 -6.75
C GLU A 34 -18.69 -4.79 -5.36
N VAL A 35 -18.11 -5.76 -4.60
CA VAL A 35 -17.75 -5.64 -3.19
CA VAL A 35 -17.74 -5.63 -3.19
C VAL A 35 -16.24 -5.57 -2.87
N ILE A 36 -15.88 -4.64 -1.95
CA ILE A 36 -14.55 -4.48 -1.38
C ILE A 36 -14.80 -4.55 0.14
N THR A 37 -14.07 -5.44 0.84
CA THR A 37 -14.24 -5.58 2.29
C THR A 37 -13.11 -4.85 3.02
N GLN A 38 -13.25 -4.71 4.36
CA GLN A 38 -12.22 -4.12 5.19
C GLN A 38 -10.95 -4.99 5.18
N ALA A 39 -11.09 -6.31 5.18
CA ALA A 39 -9.96 -7.26 5.11
C ALA A 39 -9.20 -7.06 3.81
N ASP A 40 -9.92 -6.74 2.71
CA ASP A 40 -9.26 -6.40 1.45
C ASP A 40 -8.38 -5.16 1.57
N LEU A 41 -8.78 -4.16 2.38
CA LEU A 41 -8.00 -2.92 2.56
C LEU A 41 -6.71 -3.21 3.31
N THR A 42 -6.80 -4.06 4.35
CA THR A 42 -5.65 -4.47 5.17
C THR A 42 -4.64 -5.18 4.28
N THR A 43 -5.12 -6.11 3.41
CA THR A 43 -4.25 -6.85 2.48
C THR A 43 -3.58 -5.88 1.53
N ALA A 44 -4.37 -4.93 0.97
CA ALA A 44 -3.83 -3.92 0.06
C ALA A 44 -2.75 -3.07 0.75
N CYS A 45 -2.95 -2.72 2.03
CA CYS A 45 -1.95 -1.97 2.81
C CYS A 45 -0.68 -2.82 3.06
N ASN A 46 -0.84 -4.12 3.31
CA ASN A 46 0.30 -5.03 3.45
C ASN A 46 1.07 -5.12 2.16
N ASP A 47 0.36 -5.10 1.01
CA ASP A 47 1.00 -5.11 -0.30
C ASP A 47 1.83 -3.84 -0.50
N ALA A 48 1.28 -2.69 -0.08
CA ALA A 48 1.94 -1.37 -0.18
C ALA A 48 3.26 -1.40 0.61
N LYS A 49 3.22 -1.96 1.84
CA LYS A 49 4.39 -2.12 2.72
C LYS A 49 5.45 -3.05 2.11
N ALA A 50 5.01 -4.17 1.49
CA ALA A 50 5.90 -5.12 0.83
C ALA A 50 6.51 -4.49 -0.41
N SER A 51 5.76 -3.60 -1.12
CA SER A 51 6.27 -2.88 -2.27
C SER A 51 7.39 -1.92 -1.86
N ALA A 52 7.23 -1.21 -0.72
CA ALA A 52 8.21 -0.27 -0.16
C ALA A 52 9.49 -1.04 0.18
N GLN A 53 9.34 -2.23 0.77
CA GLN A 53 10.49 -3.06 1.13
C GLN A 53 11.21 -3.55 -0.10
N ASN A 54 10.44 -3.95 -1.12
CA ASN A 54 10.97 -4.46 -2.39
CA ASN A 54 11.04 -4.44 -2.36
C ASN A 54 11.85 -3.39 -3.06
N VAL A 55 11.36 -2.15 -3.09
CA VAL A 55 12.06 -1.02 -3.67
C VAL A 55 13.32 -0.74 -2.86
N PHE A 56 13.21 -0.71 -1.53
CA PHE A 56 14.34 -0.46 -0.63
C PHE A 56 15.48 -1.48 -0.88
N ASN A 57 15.12 -2.75 -1.05
CA ASN A 57 16.05 -3.84 -1.31
C ASN A 57 16.89 -3.61 -2.55
N GLN A 58 16.31 -2.94 -3.56
CA GLN A 58 17.05 -2.62 -4.79
C GLN A 58 17.85 -1.36 -4.63
N ILE A 59 17.25 -0.30 -4.04
CA ILE A 59 17.91 0.98 -3.81
C ILE A 59 19.10 0.83 -2.89
N LYS A 60 18.99 -0.02 -1.86
CA LYS A 60 20.12 -0.21 -0.92
C LYS A 60 21.39 -0.73 -1.57
N LEU A 61 21.28 -1.44 -2.72
CA LEU A 61 22.42 -1.93 -3.50
C LEU A 61 23.27 -0.73 -3.97
N THR A 62 22.61 0.41 -4.35
CA THR A 62 23.34 1.62 -4.75
C THR A 62 23.79 2.41 -3.53
N LEU A 63 22.93 2.53 -2.50
CA LEU A 63 23.27 3.32 -1.31
C LEU A 63 24.57 2.89 -0.65
N SER A 64 24.86 1.57 -0.60
CA SER A 64 26.08 1.07 0.02
C SER A 64 27.32 1.55 -0.77
N GLY A 65 27.14 1.92 -2.04
CA GLY A 65 28.24 2.44 -2.86
C GLY A 65 28.40 3.94 -2.66
N THR A 66 27.26 4.65 -2.53
CA THR A 66 27.23 6.11 -2.32
C THR A 66 27.75 6.47 -0.94
N TRP A 67 27.35 5.69 0.09
CA TRP A 67 27.75 5.92 1.49
CA TRP A 67 27.69 5.93 1.49
C TRP A 67 28.22 4.61 2.10
N PRO A 68 29.48 4.18 1.83
CA PRO A 68 29.93 2.89 2.38
C PRO A 68 30.14 2.84 3.89
N ASN A 69 30.14 4.00 4.55
CA ASN A 69 30.31 4.09 6.01
C ASN A 69 29.00 4.23 6.73
N SER A 70 27.86 4.13 6.01
CA SER A 70 26.55 4.27 6.60
C SER A 70 25.81 2.94 6.62
N GLN A 71 24.78 2.87 7.47
CA GLN A 71 23.80 1.79 7.54
C GLN A 71 22.54 2.41 6.93
N PHE A 72 21.62 1.58 6.43
CA PHE A 72 20.41 2.09 5.81
C PHE A 72 19.21 1.41 6.37
N ARG A 73 18.07 2.10 6.33
CA ARG A 73 16.83 1.52 6.77
C ARG A 73 15.67 2.10 6.04
N LEU A 74 14.57 1.36 6.04
CA LEU A 74 13.31 1.81 5.50
C LEU A 74 12.36 2.01 6.69
N VAL A 75 11.81 3.21 6.81
CA VAL A 75 10.83 3.48 7.86
C VAL A 75 9.51 3.55 7.12
N THR A 76 8.59 2.61 7.40
CA THR A 76 7.28 2.53 6.75
CA THR A 76 7.28 2.63 6.74
C THR A 76 6.21 3.03 7.70
N GLY A 77 5.23 3.76 7.19
CA GLY A 77 4.11 4.22 8.00
C GLY A 77 3.41 3.00 8.59
N ASP A 78 2.87 3.16 9.79
CA ASP A 78 2.18 2.07 10.50
C ASP A 78 0.89 1.70 9.78
N THR A 79 0.20 2.69 9.26
CA THR A 79 -1.10 2.54 8.60
C THR A 79 -1.09 3.26 7.25
N CYS A 80 -1.99 2.85 6.38
CA CYS A 80 -2.11 3.43 5.04
C CYS A 80 -3.14 4.53 5.06
N VAL A 81 -3.15 5.31 3.96
CA VAL A 81 -4.17 6.29 3.60
C VAL A 81 -4.83 5.67 2.36
N TYR A 82 -6.16 5.62 2.37
CA TYR A 82 -6.96 5.02 1.29
C TYR A 82 -7.75 6.05 0.55
N ASN A 83 -8.11 5.74 -0.71
CA ASN A 83 -8.97 6.65 -1.51
C ASN A 83 -10.42 6.15 -1.56
N GLY A 84 -10.80 5.28 -0.65
CA GLY A 84 -12.15 4.75 -0.60
C GLY A 84 -12.37 3.94 0.64
N SER A 85 -13.62 3.67 0.89
CA SER A 85 -14.10 2.91 2.04
CA SER A 85 -14.08 2.91 2.04
C SER A 85 -14.61 1.58 1.55
N PRO A 86 -14.53 0.50 2.37
CA PRO A 86 -15.11 -0.77 1.92
C PRO A 86 -16.61 -0.61 1.72
N GLY A 87 -17.15 -1.36 0.78
CA GLY A 87 -18.58 -1.31 0.47
C GLY A 87 -18.93 -2.01 -0.82
N GLU A 88 -20.12 -1.71 -1.34
CA GLU A 88 -20.68 -2.30 -2.54
C GLU A 88 -21.02 -1.23 -3.56
N LYS A 89 -20.84 -1.56 -4.84
CA LYS A 89 -21.15 -0.67 -5.95
C LYS A 89 -21.74 -1.41 -7.15
N THR A 90 -22.44 -0.67 -8.02
CA THR A 90 -23.02 -1.21 -9.24
C THR A 90 -21.96 -1.73 -10.20
N GLU A 91 -20.86 -0.98 -10.30
CA GLU A 91 -19.84 -1.22 -11.30
C GLU A 91 -18.52 -1.60 -10.62
N SER A 92 -17.68 -2.34 -11.35
CA SER A 92 -16.42 -2.82 -10.83
C SER A 92 -15.51 -1.64 -10.46
N TRP A 93 -14.79 -1.77 -9.36
CA TRP A 93 -14.01 -0.68 -8.79
C TRP A 93 -12.85 -1.16 -7.92
N SER A 94 -11.99 -0.22 -7.53
CA SER A 94 -10.83 -0.54 -6.72
C SER A 94 -10.55 0.54 -5.70
N ILE A 95 -9.72 0.22 -4.69
CA ILE A 95 -9.26 1.17 -3.68
C ILE A 95 -7.74 1.07 -3.68
N ARG A 96 -7.06 2.22 -3.63
CA ARG A 96 -5.61 2.32 -3.54
C ARG A 96 -5.28 2.51 -2.08
N ALA A 97 -4.36 1.70 -1.55
CA ALA A 97 -3.81 1.81 -0.20
C ALA A 97 -2.42 2.36 -0.42
N GLN A 98 -2.14 3.53 0.14
CA GLN A 98 -0.82 4.15 0.00
C GLN A 98 -0.13 4.18 1.35
N VAL A 99 1.12 3.69 1.39
CA VAL A 99 1.93 3.77 2.60
C VAL A 99 3.12 4.72 2.35
N GLU A 100 3.53 5.46 3.38
CA GLU A 100 4.76 6.25 3.24
C GLU A 100 5.94 5.33 3.50
N GLY A 101 6.94 5.38 2.61
CA GLY A 101 8.19 4.61 2.74
C GLY A 101 9.31 5.62 2.68
N ASP A 102 10.04 5.77 3.79
CA ASP A 102 11.12 6.73 3.96
C ASP A 102 12.44 5.97 4.01
N ILE A 103 13.25 6.13 2.98
CA ILE A 103 14.57 5.50 2.89
C ILE A 103 15.56 6.40 3.61
N GLN A 104 16.20 5.85 4.64
CA GLN A 104 17.10 6.61 5.49
C GLN A 104 18.52 6.06 5.56
N ARG A 105 19.46 6.92 5.97
CA ARG A 105 20.85 6.53 6.18
CA ARG A 105 20.85 6.55 6.18
C ARG A 105 21.33 7.05 7.54
N SER A 106 22.26 6.35 8.14
CA SER A 106 22.84 6.79 9.41
C SER A 106 23.90 7.84 9.07
N VAL A 107 24.01 8.91 9.86
CA VAL A 107 24.99 9.96 9.57
C VAL A 107 25.95 10.14 10.76
N PRO A 108 27.29 10.04 10.54
CA PRO A 108 28.24 10.21 11.66
C PRO A 108 28.21 11.62 12.28
#